data_5WIW
#
_entry.id   5WIW
#
_cell.length_a   66.639
_cell.length_b   66.639
_cell.length_c   82.184
_cell.angle_alpha   90.000
_cell.angle_beta   90.000
_cell.angle_gamma   90.000
#
_symmetry.space_group_name_H-M   'P 43'
#
loop_
_entity.id
_entity.type
_entity.pdbx_description
1 polymer 'Tumor necrosis factor receptor superfamily member 9'
2 branched alpha-D-mannopyranose-(1-3)-beta-D-mannopyranose-(1-4)-2-acetamido-2-deoxy-beta-D-glucopyranose-(1-4)-[alpha-L-fucopyranose-(1-6)]2-acetamido-2-deoxy-beta-D-glucopyranose
3 non-polymer 2-acetamido-2-deoxy-beta-D-glucopyranose
4 non-polymer GLYCEROL
5 non-polymer 'SULFATE ION'
6 water water
#
_entity_poly.entity_id   1
_entity_poly.type   'polypeptide(L)'
_entity_poly.pdbx_seq_one_letter_code
;LEVQNSCDNCQPGTFCRKYNPVCKSCPPSTFSSIGGQPNCNICRVCAGYFRFKKFCSSTHNAECECIEGFHCLGPQCTRC
EKDCRPGQELTKQGCKTCSLGTFNDQAGTGVCRPWTNCSLDGRSVLKTGTTEKDVVCGPLVPR
;
_entity_poly.pdbx_strand_id   A,B
#
loop_
_chem_comp.id
_chem_comp.type
_chem_comp.name
_chem_comp.formula
BMA D-saccharide, beta linking beta-D-mannopyranose 'C6 H12 O6'
FUC L-saccharide, alpha linking alpha-L-fucopyranose 'C6 H12 O5'
GOL non-polymer GLYCEROL 'C3 H8 O3'
MAN D-saccharide, alpha linking alpha-D-mannopyranose 'C6 H12 O6'
NAG D-saccharide, beta linking 2-acetamido-2-deoxy-beta-D-glucopyranose 'C8 H15 N O6'
SO4 non-polymer 'SULFATE ION' 'O4 S -2'
#
# COMPACT_ATOMS: atom_id res chain seq x y z
N CYS A 26 1.61 -16.81 -21.20
CA CYS A 26 1.04 -15.55 -21.78
C CYS A 26 1.94 -14.78 -22.78
N PRO A 27 3.29 -14.78 -22.59
CA PRO A 27 4.12 -14.19 -23.68
C PRO A 27 4.11 -15.03 -24.97
N PRO A 28 4.26 -16.37 -24.88
CA PRO A 28 3.75 -17.20 -25.98
C PRO A 28 2.24 -17.31 -25.81
N SER A 29 1.49 -17.37 -26.91
CA SER A 29 0.03 -17.36 -26.85
C SER A 29 -0.52 -18.58 -26.09
N THR A 30 -0.88 -18.35 -24.83
CA THR A 30 -1.45 -19.38 -23.95
C THR A 30 -2.61 -18.74 -23.19
N PHE A 31 -3.66 -18.39 -23.93
CA PHE A 31 -4.78 -17.60 -23.41
C PHE A 31 -5.65 -18.42 -22.46
N ASN A 39 -8.53 -15.48 -17.09
CA ASN A 39 -8.35 -14.84 -18.39
C ASN A 39 -6.95 -14.24 -18.56
N CYS A 40 -6.11 -14.93 -19.35
CA CYS A 40 -4.77 -14.45 -19.71
C CYS A 40 -4.80 -13.86 -21.13
N ASN A 41 -4.18 -12.70 -21.30
CA ASN A 41 -4.14 -11.99 -22.59
C ASN A 41 -2.66 -11.65 -22.95
N ILE A 42 -2.39 -10.41 -23.37
CA ILE A 42 -1.05 -9.98 -23.81
C ILE A 42 -0.30 -9.41 -22.60
N CYS A 43 0.99 -9.73 -22.49
CA CYS A 43 1.80 -9.28 -21.35
C CYS A 43 2.17 -7.80 -21.45
N ARG A 44 2.12 -7.12 -20.30
CA ARG A 44 2.60 -5.74 -20.18
C ARG A 44 4.14 -5.74 -20.23
N VAL A 45 4.71 -4.70 -20.84
CA VAL A 45 6.16 -4.52 -20.95
C VAL A 45 6.59 -3.32 -20.09
N CYS A 46 7.57 -3.54 -19.21
CA CYS A 46 8.05 -2.52 -18.27
C CYS A 46 9.46 -2.04 -18.66
N ALA A 47 9.53 -0.89 -19.32
CA ALA A 47 10.78 -0.35 -19.86
C ALA A 47 10.96 1.13 -19.50
N GLY A 48 12.18 1.61 -19.69
CA GLY A 48 12.52 3.02 -19.48
C GLY A 48 12.47 3.37 -18.01
N TYR A 49 11.53 4.24 -17.64
CA TYR A 49 11.33 4.62 -16.23
C TYR A 49 10.55 3.55 -15.45
N PHE A 50 10.01 2.56 -16.14
CA PHE A 50 9.40 1.39 -15.51
C PHE A 50 10.31 0.16 -15.58
N ARG A 51 10.26 -0.65 -14.53
CA ARG A 51 10.86 -1.98 -14.54
C ARG A 51 9.83 -2.98 -14.01
N PHE A 52 10.15 -4.27 -14.10
CA PHE A 52 9.22 -5.34 -13.71
C PHE A 52 9.14 -5.51 -12.19
N LYS A 53 7.93 -5.35 -11.65
CA LYS A 53 7.64 -5.69 -10.24
C LYS A 53 7.28 -7.16 -10.14
N LYS A 54 6.39 -7.61 -11.03
CA LYS A 54 6.05 -9.02 -11.17
C LYS A 54 6.19 -9.42 -12.64
N PHE A 55 6.91 -10.52 -12.90
CA PHE A 55 7.07 -11.05 -14.26
C PHE A 55 5.79 -11.69 -14.77
N CYS A 56 5.63 -11.72 -16.08
CA CYS A 56 4.47 -12.35 -16.72
C CYS A 56 4.59 -13.87 -16.66
N SER A 57 3.46 -14.54 -16.45
CA SER A 57 3.39 -16.01 -16.49
C SER A 57 2.05 -16.41 -17.11
N SER A 58 1.85 -17.73 -17.28
CA SER A 58 0.60 -18.27 -17.84
C SER A 58 -0.65 -17.90 -17.02
N THR A 59 -0.49 -17.80 -15.70
CA THR A 59 -1.58 -17.46 -14.78
C THR A 59 -1.89 -15.96 -14.65
N HIS A 60 -0.89 -15.08 -14.80
CA HIS A 60 -1.06 -13.65 -14.53
C HIS A 60 -0.20 -12.70 -15.40
N ASN A 61 -0.73 -11.49 -15.61
CA ASN A 61 -0.06 -10.42 -16.37
C ASN A 61 1.11 -9.83 -15.57
N ALA A 62 2.07 -9.24 -16.28
CA ALA A 62 3.21 -8.56 -15.65
C ALA A 62 2.79 -7.21 -15.04
N GLU A 63 3.43 -6.87 -13.92
CA GLU A 63 3.18 -5.62 -13.19
C GLU A 63 4.45 -4.77 -13.14
N CYS A 64 4.30 -3.48 -13.42
CA CYS A 64 5.44 -2.56 -13.42
C CYS A 64 5.59 -1.79 -12.10
N GLU A 65 6.82 -1.37 -11.83
CA GLU A 65 7.13 -0.42 -10.76
C GLU A 65 8.07 0.61 -11.37
N CYS A 66 8.28 1.72 -10.67
CA CYS A 66 9.17 2.78 -11.15
C CYS A 66 10.61 2.48 -10.76
N ILE A 67 11.56 2.90 -11.61
CA ILE A 67 12.99 2.73 -11.33
C ILE A 67 13.41 3.56 -10.11
N GLU A 68 14.56 3.22 -9.53
CA GLU A 68 15.10 3.97 -8.40
C GLU A 68 15.33 5.43 -8.78
N GLY A 69 15.01 6.33 -7.85
CA GLY A 69 15.02 7.77 -8.12
C GLY A 69 13.67 8.30 -8.59
N PHE A 70 12.69 7.42 -8.70
CA PHE A 70 11.34 7.76 -9.17
C PHE A 70 10.32 6.99 -8.34
N HIS A 71 9.07 7.43 -8.36
CA HIS A 71 7.98 6.75 -7.65
C HIS A 71 6.71 6.78 -8.49
N CYS A 72 5.77 5.90 -8.16
CA CYS A 72 4.49 5.82 -8.86
C CYS A 72 3.66 7.09 -8.64
N LEU A 73 3.09 7.61 -9.73
CA LEU A 73 2.22 8.76 -9.69
C LEU A 73 0.80 8.32 -10.06
N GLY A 74 -0.06 8.21 -9.04
CA GLY A 74 -1.40 7.65 -9.18
C GLY A 74 -1.44 6.20 -8.73
N PRO A 75 -2.66 5.64 -8.51
CA PRO A 75 -2.83 4.30 -7.94
C PRO A 75 -2.41 3.15 -8.88
N GLN A 76 -2.66 3.29 -10.19
CA GLN A 76 -2.30 2.27 -11.17
C GLN A 76 -0.83 2.31 -11.63
N CYS A 77 -0.10 3.37 -11.26
CA CYS A 77 1.29 3.59 -11.66
C CYS A 77 1.43 3.69 -13.19
N THR A 78 0.58 4.52 -13.77
CA THR A 78 0.61 4.80 -15.21
C THR A 78 1.73 5.79 -15.52
N ARG A 79 2.06 6.64 -14.55
CA ARG A 79 3.20 7.56 -14.65
C ARG A 79 4.17 7.37 -13.48
N CYS A 80 5.42 7.79 -13.72
CA CYS A 80 6.42 7.90 -12.66
C CYS A 80 6.74 9.38 -12.46
N GLU A 81 6.96 9.76 -11.20
CA GLU A 81 7.41 11.10 -10.84
C GLU A 81 8.76 11.01 -10.14
N LYS A 82 9.66 11.92 -10.48
CA LYS A 82 11.00 11.98 -9.90
C LYS A 82 10.91 12.23 -8.39
N ASP A 83 11.74 11.54 -7.62
CA ASP A 83 11.71 11.68 -6.16
C ASP A 83 11.94 13.14 -5.76
N CYS A 84 11.34 13.51 -4.64
CA CYS A 84 11.18 14.91 -4.28
C CYS A 84 12.51 15.55 -3.86
N ARG A 85 12.63 16.83 -4.16
CA ARG A 85 13.79 17.63 -3.76
C ARG A 85 13.68 18.02 -2.29
N PRO A 86 14.78 18.53 -1.70
CA PRO A 86 14.67 19.21 -0.41
C PRO A 86 13.74 20.42 -0.52
N GLY A 87 12.94 20.63 0.52
CA GLY A 87 11.85 21.61 0.47
C GLY A 87 10.53 21.02 0.02
N GLN A 88 10.49 19.70 -0.15
CA GLN A 88 9.27 18.98 -0.53
C GLN A 88 9.17 17.68 0.26
N GLU A 89 7.98 17.09 0.26
CA GLU A 89 7.78 15.74 0.80
C GLU A 89 6.92 14.92 -0.15
N LEU A 90 7.06 13.60 -0.09
CA LEU A 90 6.26 12.70 -0.92
C LEU A 90 4.90 12.45 -0.25
N THR A 91 3.83 12.87 -0.90
CA THR A 91 2.46 12.56 -0.48
C THR A 91 1.91 11.44 -1.37
N LYS A 92 0.69 11.00 -1.08
CA LYS A 92 -0.04 10.04 -1.93
C LYS A 92 -0.33 10.60 -3.32
N GLN A 93 -0.51 11.93 -3.41
CA GLN A 93 -0.69 12.63 -4.69
C GLN A 93 0.60 13.29 -5.21
N GLY A 94 1.75 12.64 -5.03
CA GLY A 94 3.03 13.13 -5.53
C GLY A 94 3.77 14.09 -4.60
N CYS A 95 4.77 14.77 -5.16
CA CYS A 95 5.62 15.69 -4.42
C CYS A 95 4.89 17.00 -4.15
N LYS A 96 4.97 17.49 -2.93
CA LYS A 96 4.38 18.78 -2.55
C LYS A 96 5.37 19.61 -1.76
N THR A 97 5.41 20.91 -2.05
CA THR A 97 6.25 21.86 -1.32
C THR A 97 5.84 21.89 0.15
N CYS A 98 6.81 21.97 1.03
CA CYS A 98 6.55 22.12 2.46
C CYS A 98 5.76 23.41 2.70
N SER A 99 4.75 23.33 3.57
CA SER A 99 3.94 24.49 3.91
C SER A 99 4.79 25.47 4.73
N LEU A 100 4.50 26.76 4.60
CA LEU A 100 5.23 27.82 5.31
C LEU A 100 5.36 27.48 6.79
N GLY A 101 6.56 27.62 7.33
CA GLY A 101 6.84 27.23 8.72
C GLY A 101 7.32 25.80 8.92
N THR A 102 7.43 25.01 7.85
CA THR A 102 7.99 23.66 7.93
C THR A 102 9.17 23.50 6.97
N PHE A 103 10.00 22.48 7.20
CA PHE A 103 11.16 22.23 6.34
C PHE A 103 11.47 20.74 6.16
N ASN A 104 12.15 20.44 5.05
CA ASN A 104 12.73 19.11 4.81
C ASN A 104 14.08 19.30 4.14
N ASP A 105 15.15 19.06 4.91
CA ASP A 105 16.53 19.13 4.40
C ASP A 105 17.01 17.88 3.64
N GLN A 106 16.22 16.80 3.68
CA GLN A 106 16.58 15.53 3.03
C GLN A 106 16.12 15.50 1.57
N ALA A 107 16.92 14.86 0.70
CA ALA A 107 16.63 14.78 -0.74
C ALA A 107 16.11 13.40 -1.13
N GLY A 108 14.84 13.35 -1.52
CA GLY A 108 14.19 12.10 -1.95
C GLY A 108 13.53 11.31 -0.84
N THR A 109 13.65 11.79 0.40
CA THR A 109 13.04 11.13 1.55
C THR A 109 12.72 12.16 2.65
N GLY A 110 12.07 11.68 3.73
CA GLY A 110 11.76 12.52 4.88
C GLY A 110 10.42 13.23 4.81
N VAL A 111 10.09 13.90 5.92
CA VAL A 111 8.81 14.59 6.11
C VAL A 111 9.09 16.08 6.37
N CYS A 112 8.15 16.93 5.96
CA CYS A 112 8.20 18.35 6.31
C CYS A 112 7.93 18.50 7.81
N ARG A 113 8.88 19.09 8.53
CA ARG A 113 8.80 19.23 9.99
C ARG A 113 8.81 20.72 10.39
N PRO A 114 8.09 21.09 11.48
CA PRO A 114 8.05 22.51 11.86
C PRO A 114 9.41 23.08 12.25
N TRP A 115 9.62 24.37 11.96
CA TRP A 115 10.85 25.04 12.37
C TRP A 115 11.00 24.98 13.89
N THR A 116 12.24 24.86 14.34
CA THR A 116 12.57 25.02 15.75
C THR A 116 12.04 26.38 16.23
N ASN A 117 11.37 26.38 17.38
CA ASN A 117 10.84 27.59 17.99
C ASN A 117 11.85 28.09 19.03
N CYS A 118 12.68 29.03 18.62
CA CYS A 118 13.75 29.57 19.48
C CYS A 118 13.20 30.21 20.76
N SER A 119 12.10 30.96 20.64
CA SER A 119 11.45 31.63 21.77
C SER A 119 11.07 30.69 22.92
N LEU A 120 10.50 29.54 22.59
CA LEU A 120 10.14 28.54 23.61
C LEU A 120 11.36 27.91 24.28
N ASP A 121 12.48 27.89 23.55
CA ASP A 121 13.77 27.44 24.07
C ASP A 121 14.58 28.56 24.77
N GLY A 122 13.99 29.75 24.94
CA GLY A 122 14.69 30.88 25.57
C GLY A 122 15.79 31.52 24.74
N ARG A 123 15.80 31.27 23.43
CA ARG A 123 16.83 31.79 22.52
C ARG A 123 16.17 32.75 21.54
N SER A 124 17.01 33.47 20.79
CA SER A 124 16.58 34.34 19.70
C SER A 124 16.94 33.71 18.35
N VAL A 125 16.33 34.21 17.28
CA VAL A 125 16.61 33.75 15.90
C VAL A 125 17.88 34.40 15.38
N LEU A 126 18.84 33.60 14.94
CA LEU A 126 20.05 34.10 14.26
C LEU A 126 19.95 34.01 12.72
N LYS A 127 19.39 32.92 12.22
CA LYS A 127 19.13 32.74 10.77
C LYS A 127 17.73 32.21 10.55
N THR A 128 17.00 32.80 9.61
CA THR A 128 15.60 32.46 9.38
C THR A 128 15.43 31.11 8.70
N GLY A 129 14.22 30.58 8.79
CA GLY A 129 13.89 29.28 8.24
C GLY A 129 13.54 29.37 6.77
N THR A 130 13.58 28.22 6.11
CA THR A 130 13.25 28.11 4.70
C THR A 130 12.51 26.76 4.55
N THR A 131 12.01 26.43 3.36
CA THR A 131 11.48 25.10 3.08
C THR A 131 12.55 24.00 3.19
N GLU A 132 13.81 24.34 2.94
CA GLU A 132 14.93 23.38 2.99
C GLU A 132 15.75 23.42 4.28
N LYS A 133 15.78 24.56 4.98
CA LYS A 133 16.62 24.74 6.17
C LYS A 133 15.81 25.16 7.40
N ASP A 134 16.16 24.56 8.53
CA ASP A 134 15.61 24.97 9.81
C ASP A 134 16.15 26.34 10.21
N VAL A 135 15.40 27.00 11.10
CA VAL A 135 15.86 28.22 11.77
C VAL A 135 17.10 27.87 12.59
N VAL A 136 18.06 28.79 12.65
CA VAL A 136 19.21 28.66 13.55
C VAL A 136 19.01 29.62 14.72
N CYS A 137 18.86 29.06 15.92
CA CYS A 137 18.71 29.87 17.14
C CYS A 137 20.07 30.31 17.66
N GLY A 138 20.06 31.40 18.43
CA GLY A 138 21.27 31.93 19.03
C GLY A 138 21.56 31.40 20.42
N PRO A 139 22.56 31.99 21.11
CA PRO A 139 22.85 31.63 22.50
C PRO A 139 21.70 31.91 23.46
N LEU A 140 21.80 31.34 24.66
CA LEU A 140 20.78 31.53 25.70
C LEU A 140 20.82 32.99 26.13
N VAL A 141 19.71 33.69 25.94
CA VAL A 141 19.66 35.15 26.13
C VAL A 141 19.55 35.47 27.62
N CYS B 26 -13.48 20.66 5.39
CA CYS B 26 -14.51 21.67 5.02
C CYS B 26 -15.96 21.18 5.27
N PRO B 27 -16.29 20.84 6.54
CA PRO B 27 -17.67 20.49 6.88
C PRO B 27 -18.54 21.73 7.10
N PRO B 28 -17.91 22.87 7.44
CA PRO B 28 -18.49 24.19 7.66
C PRO B 28 -18.40 25.15 6.46
N SER B 29 -18.28 24.59 5.25
CA SER B 29 -18.23 25.37 3.99
C SER B 29 -17.09 26.40 3.96
N THR B 30 -15.90 25.96 4.36
CA THR B 30 -14.70 26.81 4.40
C THR B 30 -13.75 26.40 3.26
N PHE B 31 -14.17 26.71 2.04
CA PHE B 31 -13.48 26.26 0.82
C PHE B 31 -12.12 26.93 0.68
N CYS B 40 -10.28 22.42 -1.43
CA CYS B 40 -11.10 21.65 -0.48
C CYS B 40 -12.60 21.83 -0.79
N ASN B 41 -13.32 20.70 -0.84
CA ASN B 41 -14.72 20.64 -1.25
C ASN B 41 -15.58 19.97 -0.16
N ILE B 42 -16.77 19.46 -0.52
CA ILE B 42 -17.66 18.77 0.45
C ILE B 42 -17.02 17.48 0.95
N CYS B 43 -17.13 17.23 2.27
CA CYS B 43 -16.50 16.08 2.92
C CYS B 43 -17.23 14.77 2.63
N ARG B 44 -16.45 13.69 2.49
CA ARG B 44 -16.97 12.34 2.34
C ARG B 44 -17.47 11.84 3.71
N VAL B 45 -18.52 11.02 3.68
CA VAL B 45 -19.10 10.40 4.89
C VAL B 45 -18.84 8.89 4.87
N CYS B 46 -18.23 8.37 5.94
CA CYS B 46 -17.88 6.95 6.07
C CYS B 46 -18.78 6.24 7.08
N ALA B 47 -19.78 5.52 6.57
CA ALA B 47 -20.78 4.86 7.41
C ALA B 47 -21.00 3.41 7.00
N GLY B 48 -21.67 2.67 7.88
CA GLY B 48 -22.05 1.29 7.62
C GLY B 48 -20.86 0.37 7.59
N TYR B 49 -20.57 -0.21 6.42
CA TYR B 49 -19.40 -1.06 6.24
C TYR B 49 -18.10 -0.24 6.08
N PHE B 50 -18.24 1.08 5.95
CA PHE B 50 -17.11 2.00 5.95
C PHE B 50 -16.99 2.76 7.27
N ARG B 51 -15.75 3.01 7.70
CA ARG B 51 -15.46 3.92 8.79
C ARG B 51 -14.36 4.89 8.38
N PHE B 52 -14.10 5.90 9.20
CA PHE B 52 -13.13 6.94 8.89
C PHE B 52 -11.69 6.47 9.07
N LYS B 53 -10.92 6.49 7.98
CA LYS B 53 -9.48 6.30 8.02
C LYS B 53 -8.78 7.61 8.38
N LYS B 54 -9.18 8.68 7.69
CA LYS B 54 -8.75 10.04 8.00
C LYS B 54 -9.97 10.96 8.07
N PHE B 55 -10.06 11.75 9.14
CA PHE B 55 -11.16 12.72 9.31
C PHE B 55 -11.02 13.88 8.35
N CYS B 56 -12.14 14.53 8.04
CA CYS B 56 -12.13 15.71 7.16
C CYS B 56 -11.57 16.92 7.90
N SER B 57 -10.97 17.83 7.15
CA SER B 57 -10.48 19.11 7.68
C SER B 57 -10.48 20.17 6.58
N SER B 58 -10.11 21.40 6.95
CA SER B 58 -10.01 22.51 5.99
C SER B 58 -8.98 22.24 4.88
N THR B 59 -7.91 21.53 5.22
CA THR B 59 -6.84 21.19 4.28
C THR B 59 -7.11 19.96 3.40
N HIS B 60 -7.90 19.00 3.89
CA HIS B 60 -8.11 17.72 3.17
C HIS B 60 -9.46 17.03 3.42
N ASN B 61 -9.88 16.26 2.42
CA ASN B 61 -11.13 15.48 2.46
C ASN B 61 -10.97 14.26 3.38
N ALA B 62 -12.09 13.72 3.85
CA ALA B 62 -12.10 12.47 4.64
C ALA B 62 -11.86 11.26 3.75
N GLU B 63 -11.16 10.27 4.31
CA GLU B 63 -10.86 9.00 3.64
C GLU B 63 -11.51 7.84 4.40
N CYS B 64 -12.15 6.94 3.67
CA CYS B 64 -12.80 5.78 4.28
C CYS B 64 -11.92 4.53 4.25
N GLU B 65 -12.18 3.64 5.19
CA GLU B 65 -11.62 2.30 5.23
C GLU B 65 -12.77 1.36 5.58
N CYS B 66 -12.57 0.06 5.38
CA CYS B 66 -13.60 -0.93 5.68
C CYS B 66 -13.55 -1.31 7.16
N ILE B 67 -14.70 -1.65 7.71
CA ILE B 67 -14.79 -2.10 9.12
C ILE B 67 -14.11 -3.45 9.34
N GLU B 68 -13.83 -3.75 10.59
CA GLU B 68 -13.26 -5.06 10.98
C GLU B 68 -14.11 -6.21 10.43
N GLY B 69 -13.45 -7.22 9.87
CA GLY B 69 -14.14 -8.35 9.21
C GLY B 69 -14.35 -8.15 7.72
N PHE B 70 -13.87 -7.02 7.19
CA PHE B 70 -14.01 -6.68 5.78
C PHE B 70 -12.72 -6.01 5.30
N HIS B 71 -12.54 -5.96 3.99
CA HIS B 71 -11.37 -5.33 3.38
C HIS B 71 -11.78 -4.58 2.12
N CYS B 72 -10.92 -3.67 1.67
CA CYS B 72 -11.18 -2.87 0.48
C CYS B 72 -11.19 -3.74 -0.78
N LEU B 73 -12.16 -3.47 -1.65
CA LEU B 73 -12.31 -4.18 -2.92
C LEU B 73 -12.13 -3.15 -4.04
N GLY B 74 -10.98 -3.24 -4.72
CA GLY B 74 -10.58 -2.26 -5.74
C GLY B 74 -9.73 -1.15 -5.16
N PRO B 75 -9.00 -0.41 -6.03
CA PRO B 75 -8.01 0.57 -5.56
C PRO B 75 -8.58 1.82 -4.86
N GLN B 76 -9.82 2.21 -5.18
CA GLN B 76 -10.47 3.35 -4.54
C GLN B 76 -11.21 3.03 -3.22
N CYS B 77 -11.24 1.76 -2.82
CA CYS B 77 -12.04 1.28 -1.68
C CYS B 77 -13.49 1.77 -1.79
N THR B 78 -14.07 1.52 -2.97
CA THR B 78 -15.44 1.91 -3.29
C THR B 78 -16.42 0.85 -2.79
N ARG B 79 -15.95 -0.39 -2.71
CA ARG B 79 -16.67 -1.48 -2.08
C ARG B 79 -15.83 -2.13 -1.00
N CYS B 80 -16.52 -2.78 -0.07
CA CYS B 80 -15.88 -3.64 0.92
C CYS B 80 -16.27 -5.09 0.59
N GLU B 81 -15.33 -6.01 0.79
CA GLU B 81 -15.60 -7.44 0.66
C GLU B 81 -15.31 -8.12 1.99
N LYS B 82 -16.20 -9.04 2.37
CA LYS B 82 -16.07 -9.83 3.58
C LYS B 82 -14.77 -10.63 3.57
N ASP B 83 -14.07 -10.66 4.71
CA ASP B 83 -12.82 -11.42 4.80
C ASP B 83 -13.03 -12.88 4.44
N CYS B 84 -11.99 -13.49 3.88
CA CYS B 84 -12.14 -14.77 3.20
C CYS B 84 -12.35 -15.92 4.17
N ARG B 85 -13.09 -16.94 3.70
CA ARG B 85 -13.32 -18.17 4.44
C ARG B 85 -12.09 -19.08 4.35
N PRO B 86 -12.06 -20.13 5.19
CA PRO B 86 -11.08 -21.19 4.96
C PRO B 86 -11.30 -21.82 3.59
N GLY B 87 -10.21 -22.17 2.92
CA GLY B 87 -10.27 -22.60 1.52
C GLY B 87 -10.13 -21.47 0.52
N GLN B 88 -9.83 -20.26 1.01
CA GLN B 88 -9.58 -19.10 0.17
C GLN B 88 -8.39 -18.33 0.72
N GLU B 89 -7.84 -17.42 -0.09
CA GLU B 89 -6.84 -16.44 0.36
C GLU B 89 -7.19 -15.06 -0.19
N LEU B 90 -6.70 -14.02 0.48
CA LEU B 90 -6.92 -12.65 0.04
C LEU B 90 -5.83 -12.24 -0.96
N THR B 91 -6.25 -11.96 -2.20
CA THR B 91 -5.38 -11.41 -3.22
C THR B 91 -5.62 -9.90 -3.34
N LYS B 92 -4.88 -9.25 -4.24
CA LYS B 92 -5.13 -7.85 -4.60
C LYS B 92 -6.52 -7.65 -5.22
N GLN B 93 -7.01 -8.65 -5.95
CA GLN B 93 -8.35 -8.63 -6.57
C GLN B 93 -9.41 -9.39 -5.75
N GLY B 94 -9.35 -9.29 -4.42
CA GLY B 94 -10.33 -9.91 -3.53
C GLY B 94 -10.05 -11.37 -3.19
N CYS B 95 -11.05 -12.04 -2.61
CA CYS B 95 -10.93 -13.42 -2.15
C CYS B 95 -10.95 -14.37 -3.35
N LYS B 96 -10.10 -15.39 -3.30
CA LYS B 96 -10.04 -16.41 -4.36
C LYS B 96 -9.84 -17.79 -3.74
N THR B 97 -10.51 -18.79 -4.31
CA THR B 97 -10.40 -20.17 -3.86
C THR B 97 -8.95 -20.66 -4.04
N CYS B 98 -8.48 -21.47 -3.10
CA CYS B 98 -7.18 -22.11 -3.22
C CYS B 98 -7.18 -22.99 -4.47
N SER B 99 -6.09 -22.93 -5.24
CA SER B 99 -5.95 -23.77 -6.43
C SER B 99 -5.78 -25.23 -6.01
N LEU B 100 -6.22 -26.15 -6.86
CA LEU B 100 -6.15 -27.59 -6.57
C LEU B 100 -4.75 -27.98 -6.11
N GLY B 101 -4.67 -28.72 -5.01
CA GLY B 101 -3.38 -29.09 -4.42
C GLY B 101 -2.87 -28.18 -3.31
N THR B 102 -3.59 -27.11 -2.99
CA THR B 102 -3.21 -26.19 -1.91
C THR B 102 -4.34 -26.03 -0.89
N PHE B 103 -4.02 -25.56 0.31
CA PHE B 103 -5.03 -25.38 1.36
C PHE B 103 -4.77 -24.17 2.25
N ASN B 104 -5.85 -23.65 2.84
CA ASN B 104 -5.77 -22.62 3.88
C ASN B 104 -6.83 -22.94 4.94
N ASP B 105 -6.37 -23.42 6.10
CA ASP B 105 -7.25 -23.74 7.23
C ASP B 105 -7.64 -22.53 8.10
N GLN B 106 -7.01 -21.38 7.87
CA GLN B 106 -7.26 -20.16 8.66
C GLN B 106 -8.42 -19.36 8.07
N ALA B 107 -9.20 -18.73 8.95
CA ALA B 107 -10.40 -17.97 8.56
C ALA B 107 -10.17 -16.47 8.64
N GLY B 108 -10.09 -15.82 7.48
CA GLY B 108 -9.89 -14.37 7.40
C GLY B 108 -8.43 -13.94 7.28
N THR B 109 -7.52 -14.91 7.21
CA THR B 109 -6.09 -14.64 7.09
C THR B 109 -5.36 -15.86 6.49
N GLY B 110 -4.05 -15.72 6.28
CA GLY B 110 -3.21 -16.83 5.80
C GLY B 110 -3.10 -16.93 4.29
N VAL B 111 -2.27 -17.88 3.85
CA VAL B 111 -1.96 -18.12 2.43
C VAL B 111 -2.34 -19.55 2.06
N CYS B 112 -2.74 -19.78 0.81
CA CYS B 112 -2.95 -21.14 0.31
C CYS B 112 -1.58 -21.82 0.18
N ARG B 113 -1.39 -22.93 0.90
CA ARG B 113 -0.11 -23.63 0.95
C ARG B 113 -0.26 -25.04 0.34
N PRO B 114 0.78 -25.56 -0.35
CA PRO B 114 0.67 -26.91 -0.92
C PRO B 114 0.46 -28.01 0.12
N TRP B 115 -0.29 -29.05 -0.25
CA TRP B 115 -0.49 -30.20 0.63
C TRP B 115 0.86 -30.84 0.99
N THR B 116 0.94 -31.37 2.21
CA THR B 116 2.07 -32.22 2.61
C THR B 116 2.19 -33.37 1.61
N ASN B 117 3.40 -33.64 1.15
CA ASN B 117 3.68 -34.78 0.27
C ASN B 117 4.15 -35.96 1.12
N CYS B 118 3.22 -36.86 1.41
CA CYS B 118 3.51 -38.03 2.24
C CYS B 118 4.61 -38.92 1.66
N SER B 119 4.59 -39.11 0.34
CA SER B 119 5.56 -39.95 -0.38
C SER B 119 7.02 -39.52 -0.21
N LEU B 120 7.26 -38.21 -0.23
CA LEU B 120 8.60 -37.67 -0.01
C LEU B 120 9.07 -37.86 1.43
N ASP B 121 8.11 -37.95 2.36
CA ASP B 121 8.39 -38.24 3.78
C ASP B 121 8.41 -39.74 4.11
N GLY B 122 8.32 -40.61 3.11
CA GLY B 122 8.30 -42.06 3.32
C GLY B 122 7.02 -42.61 3.95
N ARG B 123 5.93 -41.84 3.85
CA ARG B 123 4.65 -42.21 4.46
C ARG B 123 3.62 -42.38 3.35
N SER B 124 2.48 -42.97 3.69
CA SER B 124 1.33 -43.07 2.77
C SER B 124 0.22 -42.11 3.22
N VAL B 125 -0.73 -41.88 2.32
CA VAL B 125 -1.88 -41.00 2.61
C VAL B 125 -2.95 -41.76 3.38
N LEU B 126 -3.35 -41.23 4.54
CA LEU B 126 -4.48 -41.76 5.30
C LEU B 126 -5.78 -40.99 5.04
N LYS B 127 -5.69 -39.66 4.96
CA LYS B 127 -6.85 -38.82 4.61
C LYS B 127 -6.45 -37.80 3.55
N THR B 128 -7.30 -37.64 2.53
CA THR B 128 -7.00 -36.78 1.38
C THR B 128 -7.14 -35.29 1.73
N GLY B 129 -6.56 -34.46 0.88
CA GLY B 129 -6.54 -33.01 1.10
C GLY B 129 -7.75 -32.32 0.52
N THR B 130 -8.04 -31.13 1.04
CA THR B 130 -9.11 -30.25 0.55
C THR B 130 -8.53 -28.85 0.39
N THR B 131 -9.39 -27.90 0.01
CA THR B 131 -9.01 -26.47 0.03
C THR B 131 -8.84 -25.95 1.47
N GLU B 132 -9.55 -26.56 2.43
CA GLU B 132 -9.48 -26.17 3.84
C GLU B 132 -8.57 -27.03 4.72
N LYS B 133 -8.33 -28.27 4.34
CA LYS B 133 -7.57 -29.23 5.16
C LYS B 133 -6.40 -29.85 4.41
N ASP B 134 -5.27 -29.96 5.11
CA ASP B 134 -4.09 -30.67 4.59
C ASP B 134 -4.39 -32.17 4.53
N VAL B 135 -3.63 -32.89 3.70
CA VAL B 135 -3.64 -34.36 3.76
C VAL B 135 -3.14 -34.82 5.13
N VAL B 136 -3.62 -35.97 5.59
CA VAL B 136 -3.06 -36.61 6.78
C VAL B 136 -2.29 -37.84 6.32
N CYS B 137 -0.97 -37.83 6.58
CA CYS B 137 -0.11 -38.95 6.23
C CYS B 137 -0.17 -40.02 7.32
N GLY B 138 0.22 -41.24 6.96
CA GLY B 138 0.24 -42.38 7.88
C GLY B 138 1.56 -42.55 8.59
N PRO B 139 1.73 -43.69 9.30
CA PRO B 139 3.00 -44.00 9.98
C PRO B 139 4.18 -44.15 9.03
N LEU B 140 5.37 -43.79 9.51
CA LEU B 140 6.61 -43.90 8.74
C LEU B 140 7.11 -45.35 8.80
C1 NAG C . 5.13 -35.78 -4.31
C2 NAG C . 4.07 -35.22 -5.28
C3 NAG C . 4.17 -35.90 -6.65
C4 NAG C . 5.60 -35.86 -7.17
C5 NAG C . 6.63 -36.27 -6.13
C6 NAG C . 8.05 -35.96 -6.60
C7 NAG C . 2.05 -36.41 -4.41
C8 NAG C . 0.66 -36.20 -3.91
N2 NAG C . 2.70 -35.30 -4.74
O3 NAG C . 3.31 -35.20 -7.56
O4 NAG C . 5.73 -36.77 -8.28
O5 NAG C . 6.42 -35.58 -4.89
O6 NAG C . 8.21 -34.55 -6.81
O7 NAG C . 2.50 -37.54 -4.50
C1 NAG C . 5.65 -36.12 -9.57
C2 NAG C . 6.38 -36.94 -10.62
C3 NAG C . 6.24 -36.32 -11.99
C4 NAG C . 4.78 -36.00 -12.33
C5 NAG C . 4.14 -35.21 -11.18
C6 NAG C . 2.65 -34.94 -11.42
C7 NAG C . 8.39 -38.11 -9.76
C8 NAG C . 9.87 -37.98 -9.51
N2 NAG C . 7.80 -37.03 -10.29
O3 NAG C . 6.79 -37.23 -12.95
O4 NAG C . 4.72 -35.22 -13.53
O5 NAG C . 4.28 -35.93 -9.96
O6 NAG C . 2.35 -33.57 -11.11
O7 NAG C . 7.81 -39.15 -9.49
C1 BMA C . 4.42 -36.00 -14.70
C2 BMA C . 3.92 -35.09 -15.81
C3 BMA C . 3.55 -35.91 -17.05
C4 BMA C . 4.66 -36.88 -17.45
C5 BMA C . 5.26 -37.63 -16.25
C6 BMA C . 6.53 -38.38 -16.63
O2 BMA C . 4.94 -34.13 -16.15
O3 BMA C . 3.29 -35.06 -18.18
O4 BMA C . 4.12 -37.83 -18.37
O5 BMA C . 5.56 -36.71 -15.19
O6 BMA C . 6.59 -39.64 -15.93
C1 MAN C . 2.07 -34.30 -18.07
C2 MAN C . 1.44 -34.20 -19.46
C3 MAN C . 2.30 -33.33 -20.38
C4 MAN C . 2.68 -32.00 -19.74
C5 MAN C . 3.16 -32.16 -18.29
C6 MAN C . 3.29 -30.80 -17.58
O2 MAN C . 0.12 -33.67 -19.34
O3 MAN C . 1.60 -33.08 -21.60
O4 MAN C . 3.72 -31.40 -20.51
O5 MAN C . 2.27 -32.98 -17.54
O6 MAN C . 4.57 -30.68 -16.98
C1 FUC C . 9.37 -34.24 -7.60
C2 FUC C . 9.48 -32.73 -7.76
C3 FUC C . 9.80 -32.07 -6.42
C4 FUC C . 11.04 -32.70 -5.80
C5 FUC C . 10.90 -34.23 -5.74
C6 FUC C . 12.18 -34.90 -5.23
O2 FUC C . 8.25 -32.21 -8.29
O3 FUC C . 10.00 -30.66 -6.61
O4 FUC C . 12.20 -32.32 -6.56
O5 FUC C . 10.59 -34.74 -7.05
C1 NAG D . 6.52 29.71 19.20
C2 NAG D . 6.00 30.75 18.21
C3 NAG D . 5.37 31.91 18.98
C4 NAG D . 4.28 31.40 19.93
C5 NAG D . 4.76 30.21 20.75
C6 NAG D . 3.63 29.58 21.58
C7 NAG D . 7.46 30.63 16.21
C8 NAG D . 8.52 31.36 15.43
N2 NAG D . 7.03 31.26 17.31
O3 NAG D . 4.82 32.87 18.08
O4 NAG D . 3.88 32.45 20.81
O5 NAG D . 5.37 29.22 19.91
O6 NAG D . 2.47 29.29 20.78
O7 NAG D . 7.05 29.55 15.84
C1 GOL E . -1.77 13.16 1.51
O1 GOL E . -1.72 14.35 0.72
C2 GOL E . -0.64 13.17 2.54
O2 GOL E . -0.37 11.82 2.96
C3 GOL E . -1.00 14.02 3.76
O3 GOL E . 0.05 14.95 4.04
S SO4 F . 23.95 27.38 7.07
O1 SO4 F . 24.03 28.85 7.27
O2 SO4 F . 22.96 26.81 8.00
O3 SO4 F . 25.29 26.78 7.34
O4 SO4 F . 23.57 27.09 5.67
C1 GOL G . -3.07 -12.36 -7.49
O1 GOL G . -3.68 -11.07 -7.69
C2 GOL G . -1.63 -12.23 -7.02
O2 GOL G . -1.31 -13.36 -6.19
C3 GOL G . -1.35 -10.94 -6.24
O3 GOL G . -2.38 -10.70 -5.27
S SO4 H . -15.67 6.39 13.26
O1 SO4 H . -17.08 6.18 12.86
O2 SO4 H . -15.39 5.60 14.46
O3 SO4 H . -14.76 5.97 12.17
O4 SO4 H . -15.48 7.83 13.54
S SO4 I . -9.27 -34.18 10.74
O1 SO4 I . -9.82 -32.81 10.80
O2 SO4 I . -8.89 -34.62 12.11
O3 SO4 I . -8.09 -34.21 9.87
O4 SO4 I . -10.32 -35.10 10.23
#